data_5K17
#
_entry.id   5K17
#
_cell.length_a   77.694
_cell.length_b   77.676
_cell.length_c   104.268
_cell.angle_alpha   90.00
_cell.angle_beta   90.00
_cell.angle_gamma   90.00
#
_symmetry.space_group_name_H-M   'C 2 2 21'
#
loop_
_entity.id
_entity.type
_entity.pdbx_description
1 polymer 'Chromatin protein Cren7'
2 polymer "DNA (5'-D(*GP*TP*GP*AP*TP*CP*GP*C)-3')"
3 water water
#
loop_
_entity_poly.entity_id
_entity_poly.type
_entity_poly.pdbx_seq_one_letter_code
_entity_poly.pdbx_strand_id
1 'polypeptide(L)' MSSGKKPVKVKTPAGKEAELVPEKVWALAPKGRKGVKIGLFKDPETGKYFRHKLPDDYPI A,B
2 'polydeoxyribonucleotide' (DG)(DT)(DG)(DA)(DT)(DC)(DG)(DC) C,D,E,F
#
# COMPACT_ATOMS: atom_id res chain seq x y z
N SER A 2 -20.73 -10.87 -2.46
CA SER A 2 -20.57 -11.64 -1.22
C SER A 2 -19.83 -10.81 -0.16
N SER A 3 -20.59 -10.31 0.82
CA SER A 3 -20.05 -9.47 1.89
C SER A 3 -19.54 -10.31 3.07
N GLY A 4 -18.70 -9.68 3.90
CA GLY A 4 -18.08 -10.36 5.02
C GLY A 4 -18.84 -10.12 6.31
N LYS A 5 -18.48 -10.89 7.34
CA LYS A 5 -19.09 -10.72 8.66
C LYS A 5 -18.01 -10.61 9.73
N LYS A 6 -17.11 -11.59 9.81
CA LYS A 6 -16.04 -11.59 10.79
C LYS A 6 -15.05 -10.44 10.50
N PRO A 7 -14.59 -9.72 11.52
CA PRO A 7 -13.54 -8.72 11.33
C PRO A 7 -12.21 -9.35 10.96
N VAL A 8 -11.39 -8.58 10.26
CA VAL A 8 -10.07 -9.01 9.85
C VAL A 8 -9.04 -8.00 10.34
N LYS A 9 -7.90 -8.50 10.79
CA LYS A 9 -6.78 -7.66 11.17
C LYS A 9 -6.04 -7.25 9.91
N VAL A 10 -6.10 -5.95 9.61
CA VAL A 10 -5.52 -5.41 8.40
C VAL A 10 -4.60 -4.24 8.73
N LYS A 11 -3.63 -4.00 7.86
CA LYS A 11 -2.86 -2.76 7.87
C LYS A 11 -3.48 -1.83 6.84
N THR A 12 -3.99 -0.69 7.30
CA THR A 12 -4.67 0.25 6.42
C THR A 12 -3.67 0.96 5.52
N PRO A 13 -4.16 1.63 4.47
CA PRO A 13 -3.28 2.46 3.65
C PRO A 13 -2.55 3.54 4.44
N ALA A 14 -3.19 4.10 5.47
CA ALA A 14 -2.56 5.09 6.34
C ALA A 14 -1.48 4.50 7.25
N GLY A 15 -1.25 3.19 7.23
CA GLY A 15 -0.19 2.59 8.01
C GLY A 15 -0.61 1.96 9.33
N LYS A 16 -1.87 2.14 9.74
CA LYS A 16 -2.32 1.71 11.06
C LYS A 16 -2.92 0.31 11.06
N GLU A 17 -2.69 -0.42 12.16
CA GLU A 17 -3.38 -1.69 12.38
C GLU A 17 -4.84 -1.41 12.70
N ALA A 18 -5.72 -2.30 12.24
CA ALA A 18 -7.15 -2.12 12.40
C ALA A 18 -7.85 -3.46 12.24
N GLU A 19 -9.04 -3.55 12.80
CA GLU A 19 -9.90 -4.72 12.67
C GLU A 19 -11.19 -4.28 12.03
N LEU A 20 -11.38 -4.67 10.78
CA LEU A 20 -12.47 -4.15 9.96
C LEU A 20 -13.22 -5.30 9.32
N VAL A 21 -14.49 -5.08 9.07
CA VAL A 21 -15.34 -6.03 8.39
C VAL A 21 -15.24 -5.73 6.90
N PRO A 22 -14.79 -6.68 6.08
CA PRO A 22 -14.74 -6.40 4.63
C PRO A 22 -16.14 -6.21 4.08
N GLU A 23 -16.28 -5.25 3.15
CA GLU A 23 -17.56 -5.08 2.48
C GLU A 23 -17.83 -6.18 1.46
N LYS A 24 -16.78 -6.74 0.86
CA LYS A 24 -16.91 -7.81 -0.13
C LYS A 24 -15.71 -8.72 0.02
N VAL A 25 -15.91 -10.02 -0.17
CA VAL A 25 -14.84 -11.00 -0.09
C VAL A 25 -14.98 -11.94 -1.29
N TRP A 26 -13.84 -12.44 -1.79
CA TRP A 26 -13.84 -13.40 -2.87
C TRP A 26 -12.49 -14.11 -2.97
N ALA A 27 -12.47 -15.22 -3.71
CA ALA A 27 -11.26 -15.99 -3.93
C ALA A 27 -10.58 -15.47 -5.18
N LEU A 28 -9.27 -15.33 -5.10
CA LEU A 28 -8.44 -14.88 -6.21
C LEU A 28 -7.40 -15.96 -6.48
N ALA A 29 -7.72 -16.90 -7.39
CA ALA A 29 -6.89 -18.08 -7.60
C ALA A 29 -6.88 -18.58 -9.03
N PRO A 30 -5.70 -18.85 -9.59
CA PRO A 30 -5.61 -19.43 -10.93
C PRO A 30 -6.09 -20.88 -10.92
N LYS A 31 -6.32 -21.39 -12.12
CA LYS A 31 -6.71 -22.78 -12.28
C LYS A 31 -5.56 -23.66 -11.84
N GLY A 32 -5.84 -24.54 -10.88
CA GLY A 32 -4.83 -25.49 -10.42
C GLY A 32 -3.86 -24.96 -9.40
N ARG A 33 -4.08 -23.75 -8.88
CA ARG A 33 -3.15 -23.12 -7.91
C ARG A 33 -3.94 -22.59 -6.74
N LYS A 34 -3.24 -22.43 -5.60
CA LYS A 34 -3.92 -22.08 -4.35
C LYS A 34 -4.54 -20.68 -4.37
N GLY A 35 -3.78 -19.68 -4.85
CA GLY A 35 -4.23 -18.31 -4.79
C GLY A 35 -4.38 -17.80 -3.36
N VAL A 36 -5.21 -16.76 -3.21
CA VAL A 36 -5.43 -16.10 -1.93
C VAL A 36 -6.89 -15.68 -1.88
N LYS A 37 -7.33 -15.28 -0.70
CA LYS A 37 -8.63 -14.67 -0.51
C LYS A 37 -8.43 -13.17 -0.32
N ILE A 38 -9.32 -12.38 -0.91
CA ILE A 38 -9.20 -10.94 -0.99
C ILE A 38 -10.46 -10.32 -0.41
N GLY A 39 -10.28 -9.33 0.47
CA GLY A 39 -11.37 -8.52 0.99
C GLY A 39 -11.26 -7.10 0.48
N LEU A 40 -12.41 -6.52 0.16
CA LEU A 40 -12.52 -5.09 -0.14
C LEU A 40 -12.92 -4.35 1.12
N PHE A 41 -12.06 -3.43 1.57
CA PHE A 41 -12.23 -2.75 2.84
C PHE A 41 -12.39 -1.24 2.65
N LYS A 42 -12.94 -0.59 3.68
CA LYS A 42 -13.02 0.86 3.73
C LYS A 42 -12.34 1.32 5.00
N ASP A 43 -11.34 2.19 4.86
CA ASP A 43 -10.65 2.77 6.01
C ASP A 43 -11.59 3.73 6.73
N PRO A 44 -11.99 3.42 7.98
CA PRO A 44 -12.97 4.31 8.64
C PRO A 44 -12.42 5.71 8.89
N GLU A 45 -11.12 5.84 9.10
CA GLU A 45 -10.52 7.17 9.27
C GLU A 45 -10.57 7.98 7.98
N THR A 46 -9.96 7.47 6.92
CA THR A 46 -9.79 8.25 5.70
C THR A 46 -10.95 8.12 4.72
N GLY A 47 -11.81 7.11 4.88
CA GLY A 47 -12.84 6.85 3.88
C GLY A 47 -12.35 6.16 2.62
N LYS A 48 -11.06 5.84 2.54
CA LYS A 48 -10.46 5.26 1.34
C LYS A 48 -10.74 3.75 1.27
N TYR A 49 -11.08 3.27 0.07
CA TYR A 49 -11.25 1.84 -0.16
C TYR A 49 -9.91 1.20 -0.47
N PHE A 50 -9.70 -0.02 0.02
CA PHE A 50 -8.49 -0.74 -0.27
C PHE A 50 -8.75 -2.23 -0.21
N ARG A 51 -7.91 -2.99 -0.93
CA ARG A 51 -7.97 -4.44 -0.89
C ARG A 51 -6.89 -4.97 0.01
N HIS A 52 -7.16 -6.11 0.62
CA HIS A 52 -6.24 -6.68 1.57
C HIS A 52 -6.44 -8.20 1.58
N LYS A 53 -5.36 -8.93 1.71
CA LYS A 53 -5.41 -10.38 1.84
C LYS A 53 -6.22 -10.78 3.08
N LEU A 54 -6.99 -11.87 2.96
CA LEU A 54 -7.70 -12.42 4.08
C LEU A 54 -6.99 -13.67 4.55
N PRO A 55 -7.22 -14.10 5.80
CA PRO A 55 -6.66 -15.39 6.22
C PRO A 55 -7.23 -16.50 5.35
N ASP A 56 -6.43 -17.55 5.13
CA ASP A 56 -6.82 -18.63 4.21
C ASP A 56 -8.13 -19.33 4.60
N ASP A 57 -8.55 -19.25 5.86
CA ASP A 57 -9.78 -19.88 6.32
C ASP A 57 -10.95 -18.92 6.44
N TYR A 58 -10.80 -17.67 5.99
CA TYR A 58 -11.93 -16.76 6.05
C TYR A 58 -13.04 -17.28 5.13
N PRO A 59 -14.29 -17.24 5.58
CA PRO A 59 -15.38 -17.81 4.76
C PRO A 59 -15.74 -16.93 3.56
N ILE A 60 -15.74 -17.54 2.39
CA ILE A 60 -16.10 -16.84 1.16
C ILE A 60 -17.57 -17.09 0.84
N SER B 2 -1.17 7.90 3.02
CA SER B 2 -0.86 6.61 2.36
C SER B 2 0.64 6.31 2.41
N SER B 3 1.02 5.41 3.31
CA SER B 3 2.41 5.00 3.52
C SER B 3 2.83 3.85 2.59
N GLY B 4 4.14 3.67 2.45
CA GLY B 4 4.69 2.66 1.56
C GLY B 4 5.03 1.38 2.31
N LYS B 5 5.28 0.32 1.53
CA LYS B 5 5.70 -0.96 2.10
C LYS B 5 6.95 -1.47 1.37
N LYS B 6 6.87 -1.57 0.05
CA LYS B 6 8.00 -2.04 -0.73
C LYS B 6 9.15 -1.03 -0.64
N PRO B 7 10.40 -1.49 -0.45
CA PRO B 7 11.54 -0.60 -0.53
C PRO B 7 11.75 -0.05 -1.93
N VAL B 8 12.37 1.13 -2.00
CA VAL B 8 12.69 1.79 -3.26
C VAL B 8 14.17 2.09 -3.30
N LYS B 9 14.78 1.90 -4.46
CA LYS B 9 16.16 2.27 -4.70
C LYS B 9 16.21 3.76 -4.98
N VAL B 10 16.81 4.52 -4.06
CA VAL B 10 16.85 5.97 -4.15
C VAL B 10 18.29 6.44 -4.00
N LYS B 11 18.57 7.61 -4.57
CA LYS B 11 19.80 8.35 -4.29
C LYS B 11 19.48 9.37 -3.19
N THR B 12 20.12 9.24 -2.04
CA THR B 12 19.83 10.12 -0.92
C THR B 12 20.40 11.50 -1.18
N PRO B 13 19.98 12.50 -0.40
CA PRO B 13 20.60 13.82 -0.52
C PRO B 13 22.11 13.81 -0.26
N ALA B 14 22.58 12.94 0.63
CA ALA B 14 24.01 12.80 0.90
C ALA B 14 24.79 12.16 -0.26
N GLY B 15 24.11 11.74 -1.33
CA GLY B 15 24.78 11.22 -2.50
C GLY B 15 24.82 9.70 -2.60
N LYS B 16 24.41 8.98 -1.56
CA LYS B 16 24.56 7.52 -1.51
C LYS B 16 23.33 6.79 -2.05
N GLU B 17 23.58 5.63 -2.67
CA GLU B 17 22.50 4.71 -3.04
C GLU B 17 21.95 4.05 -1.78
N ALA B 18 20.64 3.80 -1.78
CA ALA B 18 19.99 3.23 -0.60
C ALA B 18 18.65 2.62 -1.02
N GLU B 19 18.17 1.70 -0.20
CA GLU B 19 16.87 1.08 -0.38
C GLU B 19 16.05 1.36 0.86
N LEU B 20 15.06 2.23 0.70
CA LEU B 20 14.31 2.77 1.84
C LEU B 20 12.85 2.58 1.57
N VAL B 21 12.09 2.44 2.64
CA VAL B 21 10.64 2.35 2.58
C VAL B 21 10.11 3.78 2.71
N PRO B 22 9.38 4.28 1.73
CA PRO B 22 8.84 5.64 1.85
C PRO B 22 7.82 5.73 2.97
N GLU B 23 7.83 6.84 3.70
CA GLU B 23 6.82 7.06 4.73
C GLU B 23 5.47 7.43 4.15
N LYS B 24 5.44 8.08 2.99
CA LYS B 24 4.19 8.47 2.34
C LYS B 24 4.43 8.39 0.83
N VAL B 25 3.41 7.98 0.08
CA VAL B 25 3.50 7.91 -1.37
C VAL B 25 2.22 8.51 -1.94
N TRP B 26 2.34 9.15 -3.11
CA TRP B 26 1.19 9.71 -3.79
C TRP B 26 1.50 9.97 -5.26
N ALA B 27 0.44 10.17 -6.04
CA ALA B 27 0.57 10.50 -7.45
C ALA B 27 0.66 11.99 -7.61
N LEU B 28 1.58 12.43 -8.46
CA LEU B 28 1.78 13.83 -8.78
C LEU B 28 1.57 14.00 -10.29
N ALA B 29 0.34 14.32 -10.69
CA ALA B 29 0.00 14.31 -12.11
C ALA B 29 -1.05 15.34 -12.51
N PRO B 30 -0.78 16.12 -13.57
CA PRO B 30 -1.77 17.07 -14.07
C PRO B 30 -2.93 16.36 -14.73
N LYS B 31 -4.00 17.11 -14.94
CA LYS B 31 -5.17 16.57 -15.62
C LYS B 31 -4.79 16.20 -17.04
N GLY B 32 -5.02 14.96 -17.40
CA GLY B 32 -4.78 14.53 -18.78
C GLY B 32 -3.35 14.22 -19.11
N ARG B 33 -2.46 14.17 -18.12
CA ARG B 33 -1.03 13.92 -18.35
C ARG B 33 -0.56 12.84 -17.39
N LYS B 34 0.53 12.16 -17.76
CA LYS B 34 0.98 10.99 -16.99
C LYS B 34 1.44 11.34 -15.58
N GLY B 35 2.25 12.41 -15.46
CA GLY B 35 2.85 12.72 -14.18
C GLY B 35 3.85 11.65 -13.72
N VAL B 36 4.08 11.64 -12.41
CA VAL B 36 5.01 10.72 -11.76
C VAL B 36 4.42 10.33 -10.41
N LYS B 37 5.02 9.33 -9.80
CA LYS B 37 4.72 8.97 -8.43
C LYS B 37 5.86 9.44 -7.53
N ILE B 38 5.51 9.94 -6.35
CA ILE B 38 6.43 10.60 -5.44
C ILE B 38 6.37 9.90 -4.09
N GLY B 39 7.54 9.63 -3.51
CA GLY B 39 7.65 9.12 -2.14
C GLY B 39 8.32 10.15 -1.26
N LEU B 40 7.84 10.27 -0.02
CA LEU B 40 8.51 11.04 1.02
C LEU B 40 9.40 10.10 1.83
N PHE B 41 10.70 10.37 1.84
CA PHE B 41 11.68 9.48 2.46
C PHE B 41 12.41 10.18 3.60
N LYS B 42 13.02 9.36 4.46
CA LYS B 42 13.90 9.86 5.52
C LYS B 42 15.24 9.16 5.36
N ASP B 43 16.30 9.95 5.24
CA ASP B 43 17.65 9.40 5.16
C ASP B 43 18.03 8.85 6.54
N PRO B 44 18.23 7.53 6.67
CA PRO B 44 18.50 6.99 8.01
C PRO B 44 19.83 7.48 8.57
N GLU B 45 20.80 7.78 7.71
CA GLU B 45 22.06 8.33 8.19
C GLU B 45 21.88 9.73 8.74
N THR B 46 21.38 10.65 7.93
CA THR B 46 21.35 12.06 8.30
C THR B 46 20.08 12.48 9.01
N GLY B 47 19.02 11.67 8.99
CA GLY B 47 17.74 12.10 9.54
C GLY B 47 16.96 13.07 8.67
N LYS B 48 17.50 13.45 7.51
CA LYS B 48 16.89 14.46 6.64
C LYS B 48 15.75 13.85 5.82
N TYR B 49 14.64 14.58 5.70
CA TYR B 49 13.54 14.18 4.84
C TYR B 49 13.79 14.64 3.42
N PHE B 50 13.40 13.81 2.46
CA PHE B 50 13.54 14.20 1.06
C PHE B 50 12.50 13.46 0.24
N ARG B 51 12.16 14.05 -0.90
CA ARG B 51 11.23 13.43 -1.83
C ARG B 51 12.02 12.85 -2.99
N HIS B 52 11.48 11.80 -3.59
CA HIS B 52 12.14 11.08 -4.64
C HIS B 52 11.10 10.41 -5.52
N LYS B 53 11.35 10.38 -6.82
CA LYS B 53 10.49 9.68 -7.75
C LYS B 53 10.40 8.19 -7.40
N LEU B 54 9.23 7.61 -7.59
CA LEU B 54 9.01 6.20 -7.41
C LEU B 54 8.90 5.55 -8.78
N PRO B 55 9.13 4.24 -8.87
CA PRO B 55 8.88 3.56 -10.15
C PRO B 55 7.41 3.73 -10.54
N ASP B 56 7.15 3.77 -11.85
CA ASP B 56 5.79 4.03 -12.34
C ASP B 56 4.78 2.98 -11.88
N ASP B 57 5.24 1.78 -11.50
CA ASP B 57 4.35 0.72 -11.04
C ASP B 57 4.32 0.58 -9.53
N TYR B 58 4.93 1.50 -8.78
CA TYR B 58 4.84 1.40 -7.34
C TYR B 58 3.38 1.60 -6.91
N PRO B 59 2.88 0.81 -5.95
CA PRO B 59 1.48 0.92 -5.56
C PRO B 59 1.19 2.15 -4.69
N ILE B 60 0.21 2.95 -5.12
CA ILE B 60 -0.23 4.12 -4.39
C ILE B 60 -1.45 3.76 -3.56
#